data_3LQ9
#
_entry.id   3LQ9
#
_cell.length_a   33.331
_cell.length_b   36.586
_cell.length_c   47.970
_cell.angle_alpha   77.56
_cell.angle_beta   89.08
_cell.angle_gamma   86.18
#
_symmetry.space_group_name_H-M   'P 1'
#
loop_
_entity.id
_entity.type
_entity.pdbx_description
1 polymer 'DNA-damage-inducible transcript 4 protein'
2 water water
#
_entity_poly.entity_id   1
_entity_poly.type   'polypeptide(L)'
_entity_poly.pdbx_seq_one_letter_code
;SDEHLCANL(MSE)QLLQESLAQARLGSRRPARLL(MSE)PSQLVSQVGKELLRLAYSEPCGLRGALLDVCVEQGKSCHS
VGQLALDPSLVPTFQLTLVLRLDSRLWPKIQGLFSSANSPSQSLTLSTGFRVIKKKLYSSEQ
;
_entity_poly.pdbx_strand_id   A,B
#
# COMPACT_ATOMS: atom_id res chain seq x y z
N ASP A 2 -7.98 4.44 0.34
CA ASP A 2 -6.86 4.48 1.27
C ASP A 2 -7.20 5.27 2.54
N GLU A 3 -8.44 5.76 2.62
CA GLU A 3 -8.85 6.61 3.73
C GLU A 3 -8.82 5.92 5.09
N HIS A 4 -9.28 4.67 5.14
CA HIS A 4 -9.23 3.95 6.40
C HIS A 4 -7.80 3.57 6.76
N LEU A 5 -6.99 3.25 5.76
CA LEU A 5 -5.58 2.97 5.97
C LEU A 5 -4.91 4.18 6.61
N CYS A 6 -5.23 5.37 6.08
CA CYS A 6 -4.62 6.59 6.56
C CYS A 6 -5.10 6.95 7.97
N ALA A 7 -6.39 6.79 8.23
CA ALA A 7 -6.95 7.04 9.56
C ALA A 7 -6.25 6.16 10.59
N ASN A 8 -6.13 4.87 10.30
CA ASN A 8 -5.41 3.97 11.19
C ASN A 8 -3.94 4.35 11.36
N LEU A 9 -3.30 4.76 10.28
CA LEU A 9 -1.92 5.23 10.34
C LEU A 9 -1.77 6.40 11.30
N GLN A 11 -3.49 7.02 13.86
CA GLN A 11 -3.56 6.48 15.22
C GLN A 11 -2.21 5.90 15.64
N LEU A 12 -1.60 5.10 14.76
CA LEU A 12 -0.29 4.54 15.03
C LEU A 12 0.76 5.64 15.24
N LEU A 13 0.68 6.67 14.42
CA LEU A 13 1.61 7.79 14.51
C LEU A 13 1.53 8.49 15.88
N GLN A 14 0.32 8.72 16.35
CA GLN A 14 0.12 9.37 17.65
C GLN A 14 0.62 8.51 18.80
N GLU A 15 0.43 7.20 18.69
CA GLU A 15 0.96 6.27 19.69
C GLU A 15 2.48 6.32 19.69
N SER A 16 3.07 6.45 18.51
CA SER A 16 4.52 6.57 18.38
C SER A 16 5.03 7.86 19.01
N LEU A 17 4.34 8.96 18.73
CA LEU A 17 4.76 10.26 19.22
C LEU A 17 4.54 10.40 20.73
N ALA A 18 3.61 9.62 21.27
CA ALA A 18 3.32 9.66 22.70
C ALA A 18 4.49 9.19 23.53
N GLN A 19 5.46 8.54 22.89
CA GLN A 19 6.66 8.06 23.57
C GLN A 19 7.90 8.33 22.74
N ALA A 20 7.97 9.55 22.18
CA ALA A 20 9.06 9.93 21.29
C ALA A 20 10.34 10.24 22.05
N ARG A 21 11.46 9.80 21.48
CA ARG A 21 12.78 10.10 22.04
C ARG A 21 13.52 11.03 21.09
N LEU A 22 13.70 12.28 21.50
CA LEU A 22 14.29 13.30 20.63
C LEU A 22 15.73 13.64 21.01
N GLY A 23 16.66 12.74 20.71
CA GLY A 23 18.07 13.00 20.95
C GLY A 23 18.62 12.28 22.17
N SER A 24 17.74 11.65 22.94
CA SER A 24 18.16 10.91 24.13
C SER A 24 17.19 9.77 24.43
N ARG A 25 17.44 9.06 25.53
CA ARG A 25 16.63 7.90 25.88
C ARG A 25 15.32 8.31 26.53
N ARG A 26 15.25 9.55 26.98
CA ARG A 26 14.07 10.03 27.71
C ARG A 26 12.88 10.29 26.79
N PRO A 27 11.84 9.46 26.91
CA PRO A 27 10.64 9.65 26.08
C PRO A 27 9.93 10.96 26.41
N ALA A 28 9.30 11.56 25.40
CA ALA A 28 8.48 12.75 25.60
C ALA A 28 7.10 12.45 25.05
N ARG A 29 6.07 12.90 25.76
CA ARG A 29 4.72 12.63 25.32
C ARG A 29 4.27 13.73 24.37
N LEU A 30 4.52 13.52 23.07
CA LEU A 30 4.15 14.48 22.04
C LEU A 30 2.71 14.28 21.56
N LEU A 31 1.95 15.36 21.52
CA LEU A 31 0.56 15.30 21.08
C LEU A 31 0.31 16.08 19.79
N PRO A 33 -2.23 18.18 17.57
CA PRO A 33 -3.51 18.88 17.53
C PRO A 33 -4.48 18.19 16.57
N SER A 34 -5.77 18.24 16.89
CA SER A 34 -6.78 17.57 16.07
C SER A 34 -6.68 18.01 14.61
N GLN A 35 -6.41 19.29 14.39
CA GLN A 35 -6.26 19.84 13.05
C GLN A 35 -5.06 19.25 12.32
N LEU A 36 -3.95 19.08 13.05
CA LEU A 36 -2.74 18.54 12.45
C LEU A 36 -2.96 17.11 11.94
N VAL A 37 -3.62 16.30 12.75
CA VAL A 37 -3.93 14.93 12.34
C VAL A 37 -4.69 14.92 11.03
N SER A 38 -5.65 15.83 10.90
CA SER A 38 -6.48 15.92 9.70
C SER A 38 -5.69 16.37 8.48
N GLN A 39 -4.97 17.50 8.61
CA GLN A 39 -4.18 18.03 7.52
C GLN A 39 -3.08 17.07 7.07
N VAL A 40 -2.39 16.46 8.02
CA VAL A 40 -1.34 15.50 7.71
C VAL A 40 -1.91 14.35 6.88
N GLY A 41 -2.98 13.75 7.37
CA GLY A 41 -3.62 12.65 6.67
C GLY A 41 -4.03 13.04 5.26
N LYS A 42 -4.60 14.23 5.12
CA LYS A 42 -5.05 14.73 3.83
C LYS A 42 -3.90 14.82 2.83
N GLU A 43 -2.77 15.35 3.29
CA GLU A 43 -1.61 15.53 2.42
C GLU A 43 -0.92 14.21 2.03
N LEU A 44 -0.83 13.29 2.98
CA LEU A 44 -0.28 11.96 2.69
C LEU A 44 -1.10 11.29 1.60
N LEU A 45 -2.42 11.35 1.75
CA LEU A 45 -3.34 10.82 0.76
C LEU A 45 -3.17 11.49 -0.60
N ARG A 46 -3.08 12.82 -0.59
CA ARG A 46 -2.91 13.57 -1.84
C ARG A 46 -1.68 13.10 -2.60
N LEU A 47 -0.57 12.98 -1.88
CA LEU A 47 0.69 12.58 -2.49
C LEU A 47 0.70 11.12 -2.95
N ALA A 48 -0.02 10.26 -2.24
CA ALA A 48 0.01 8.82 -2.51
C ALA A 48 -0.84 8.38 -3.69
N TYR A 49 -1.89 9.13 -4.00
CA TYR A 49 -2.84 8.70 -5.03
C TYR A 49 -2.27 8.69 -6.45
N SER A 50 -1.13 9.34 -6.64
CA SER A 50 -0.48 9.33 -7.95
C SER A 50 0.51 8.18 -8.07
N GLU A 51 0.54 7.31 -7.08
CA GLU A 51 1.51 6.22 -7.04
C GLU A 51 0.83 4.86 -7.17
N PRO A 52 1.51 3.89 -7.79
CA PRO A 52 1.02 2.51 -7.80
C PRO A 52 0.79 2.01 -6.37
N CYS A 53 -0.31 1.30 -6.17
CA CYS A 53 -0.69 0.78 -4.85
C CYS A 53 -1.11 1.89 -3.89
N GLY A 54 -1.07 3.14 -4.34
CA GLY A 54 -1.47 4.25 -3.50
C GLY A 54 -0.70 4.29 -2.19
N LEU A 55 -1.37 4.67 -1.11
CA LEU A 55 -0.74 4.81 0.19
C LEU A 55 -0.15 3.49 0.69
N ARG A 56 -0.68 2.37 0.19
CA ARG A 56 -0.18 1.05 0.59
C ARG A 56 1.28 0.83 0.19
N GLY A 57 1.75 1.54 -0.83
CA GLY A 57 3.10 1.36 -1.28
C GLY A 57 4.08 2.34 -0.65
N ALA A 58 3.64 3.01 0.40
CA ALA A 58 4.43 4.08 1.01
C ALA A 58 5.30 3.61 2.17
N LEU A 59 6.48 4.21 2.27
CA LEU A 59 7.31 4.11 3.45
C LEU A 59 7.24 5.45 4.14
N LEU A 60 6.66 5.50 5.34
CA LEU A 60 6.54 6.76 6.06
C LEU A 60 7.76 7.01 6.93
N ASP A 61 8.36 8.18 6.78
CA ASP A 61 9.57 8.54 7.51
C ASP A 61 9.29 9.80 8.32
N VAL A 62 9.25 9.64 9.65
CA VAL A 62 8.82 10.72 10.52
C VAL A 62 9.96 11.36 11.31
N CYS A 63 9.97 12.69 11.33
CA CYS A 63 10.93 13.43 12.14
C CYS A 63 10.27 14.65 12.79
N VAL A 64 10.89 15.15 13.85
CA VAL A 64 10.35 16.31 14.55
C VAL A 64 11.41 17.41 14.63
N GLU A 65 11.08 18.58 14.10
CA GLU A 65 11.95 19.74 14.18
C GLU A 65 11.97 20.34 15.58
N GLN A 66 13.15 20.41 16.18
CA GLN A 66 13.34 21.03 17.50
C GLN A 66 14.36 22.15 17.40
N GLY A 67 13.89 23.34 17.04
CA GLY A 67 14.79 24.46 16.81
C GLY A 67 15.54 24.28 15.51
N LYS A 68 16.86 24.19 15.60
CA LYS A 68 17.69 23.98 14.41
C LYS A 68 17.85 22.49 14.13
N SER A 69 17.56 21.66 15.13
CA SER A 69 17.73 20.22 15.00
C SER A 69 16.50 19.54 14.38
N CYS A 70 16.74 18.40 13.73
CA CYS A 70 15.68 17.59 13.17
C CYS A 70 15.84 16.15 13.65
N HIS A 71 15.00 15.72 14.57
CA HIS A 71 15.15 14.40 15.19
C HIS A 71 14.30 13.34 14.51
N SER A 72 14.93 12.22 14.18
CA SER A 72 14.23 11.07 13.59
C SER A 72 13.42 10.34 14.65
N VAL A 73 12.12 10.17 14.38
CA VAL A 73 11.22 9.53 15.32
C VAL A 73 11.04 8.05 14.99
N GLY A 74 10.93 7.75 13.70
CA GLY A 74 10.74 6.39 13.26
C GLY A 74 10.32 6.28 11.80
N GLN A 75 10.28 5.05 11.31
CA GLN A 75 9.99 4.78 9.92
C GLN A 75 9.03 3.59 9.85
N LEU A 76 8.13 3.57 8.88
CA LEU A 76 7.15 2.50 8.80
C LEU A 76 6.67 2.22 7.38
N ALA A 77 6.77 0.97 6.96
CA ALA A 77 6.14 0.53 5.73
C ALA A 77 4.66 0.40 6.01
N LEU A 78 3.83 1.02 5.18
CA LEU A 78 2.40 1.13 5.46
C LEU A 78 1.63 -0.17 5.24
N ASP A 79 2.20 -1.09 4.46
CA ASP A 79 1.57 -2.40 4.22
C ASP A 79 2.63 -3.50 4.16
N PRO A 80 2.59 -4.42 5.14
CA PRO A 80 3.61 -5.47 5.29
C PRO A 80 3.73 -6.39 4.08
N SER A 81 2.67 -6.54 3.31
CA SER A 81 2.67 -7.47 2.18
C SER A 81 3.15 -6.82 0.88
N LEU A 82 3.45 -5.52 0.92
CA LEU A 82 3.98 -4.82 -0.25
C LEU A 82 5.37 -4.27 0.02
N VAL A 83 6.20 -4.22 -1.02
CA VAL A 83 7.48 -3.54 -0.96
C VAL A 83 7.25 -2.06 -1.23
N PRO A 84 7.68 -1.19 -0.31
CA PRO A 84 7.49 0.24 -0.53
C PRO A 84 8.22 0.72 -1.78
N THR A 85 7.57 1.56 -2.58
CA THR A 85 8.18 2.07 -3.80
C THR A 85 8.33 3.58 -3.78
N PHE A 86 7.79 4.21 -2.74
CA PHE A 86 8.01 5.64 -2.53
C PHE A 86 8.02 5.98 -1.04
N GLN A 87 8.70 7.08 -0.72
CA GLN A 87 8.90 7.48 0.66
C GLN A 87 8.21 8.81 0.94
N LEU A 88 7.44 8.85 2.02
CA LEU A 88 6.81 10.08 2.47
C LEU A 88 7.50 10.55 3.75
N THR A 89 8.29 11.61 3.64
CA THR A 89 8.96 12.17 4.80
C THR A 89 8.11 13.25 5.47
N LEU A 90 7.60 12.92 6.66
CA LEU A 90 6.76 13.83 7.43
C LEU A 90 7.60 14.63 8.41
N VAL A 91 7.60 15.95 8.27
CA VAL A 91 8.35 16.81 9.15
C VAL A 91 7.40 17.57 10.06
N LEU A 92 7.38 17.19 11.34
CA LEU A 92 6.57 17.89 12.33
C LEU A 92 7.45 18.86 13.11
N ARG A 93 6.83 19.74 13.88
CA ARG A 93 7.57 20.78 14.61
C ARG A 93 7.13 20.92 16.06
N LEU A 94 8.10 21.06 16.96
CA LEU A 94 7.84 21.28 18.37
C LEU A 94 8.42 22.63 18.76
N ASP A 95 7.56 23.55 19.20
CA ASP A 95 8.03 24.86 19.64
C ASP A 95 9.09 24.69 20.72
N SER A 96 10.24 25.31 20.51
CA SER A 96 11.42 25.04 21.34
C SER A 96 11.31 25.47 22.80
N ARG A 97 10.32 26.29 23.13
CA ARG A 97 10.09 26.64 24.53
C ARG A 97 9.54 25.44 25.31
N LEU A 98 8.96 24.49 24.58
CA LEU A 98 8.43 23.28 25.18
C LEU A 98 9.53 22.26 25.43
N TRP A 99 10.66 22.45 24.75
CA TRP A 99 11.81 21.56 24.88
C TRP A 99 11.92 20.95 26.27
N LYS A 101 14.06 20.71 30.55
CA LYS A 101 15.45 20.53 30.17
C LYS A 101 16.03 19.25 30.76
N ILE A 102 17.35 19.19 30.84
CA ILE A 102 18.03 18.03 31.43
C ILE A 102 17.40 17.66 32.76
N GLN A 103 17.08 16.38 32.91
CA GLN A 103 16.25 15.92 34.02
C GLN A 103 17.02 15.70 35.32
N GLY A 104 18.29 15.31 35.22
CA GLY A 104 19.07 14.99 36.39
C GLY A 104 19.04 13.49 36.68
N LEU A 105 19.92 13.04 37.57
CA LEU A 105 20.01 11.63 37.90
C LEU A 105 19.07 11.20 39.03
N PHE A 106 18.44 12.17 39.69
CA PHE A 106 17.63 11.88 40.86
C PHE A 106 16.21 12.43 40.73
N SER A 107 15.49 11.97 39.72
CA SER A 107 14.17 12.50 39.41
C SER A 107 13.05 11.48 39.62
N SER A 108 13.38 10.35 40.22
CA SER A 108 12.39 9.30 40.42
C SER A 108 11.14 9.82 41.10
N ALA A 109 11.32 10.50 42.23
CA ALA A 109 10.20 11.03 42.99
C ALA A 109 9.61 12.29 42.37
N ASN A 110 9.94 12.54 41.11
CA ASN A 110 9.31 13.62 40.35
C ASN A 110 7.96 13.14 39.82
N SER A 111 6.99 14.05 39.78
CA SER A 111 5.70 13.71 39.19
C SER A 111 5.82 13.50 37.69
N PRO A 112 4.95 12.65 37.13
CA PRO A 112 5.00 12.32 35.70
C PRO A 112 5.05 13.57 34.83
N SER A 113 5.86 13.52 33.78
CA SER A 113 6.03 14.67 32.89
C SER A 113 4.69 15.07 32.28
N GLN A 114 4.55 16.35 31.94
CA GLN A 114 3.39 16.80 31.18
C GLN A 114 3.58 16.51 29.70
N SER A 115 2.48 16.54 28.96
CA SER A 115 2.53 16.33 27.53
C SER A 115 2.98 17.60 26.83
N LEU A 116 3.39 17.48 25.58
CA LEU A 116 3.80 18.62 24.78
C LEU A 116 3.08 18.57 23.45
N THR A 117 2.35 19.63 23.12
CA THR A 117 1.56 19.66 21.91
C THR A 117 2.35 20.22 20.74
N LEU A 118 2.39 19.46 19.66
CA LEU A 118 3.14 19.82 18.46
C LEU A 118 2.50 21.00 17.72
N SER A 119 3.31 21.67 16.90
CA SER A 119 2.84 22.78 16.09
C SER A 119 1.86 22.30 15.02
N THR A 120 1.09 23.23 14.46
CA THR A 120 0.18 22.90 13.38
C THR A 120 0.86 22.95 12.02
N GLY A 121 2.08 23.50 11.99
CA GLY A 121 2.86 23.53 10.76
C GLY A 121 3.59 22.23 10.55
N PHE A 122 3.68 21.81 9.29
CA PHE A 122 4.37 20.57 8.93
C PHE A 122 4.74 20.58 7.46
N ARG A 123 5.61 19.65 7.07
CA ARG A 123 5.92 19.44 5.66
C ARG A 123 5.85 17.95 5.35
N VAL A 124 5.50 17.62 4.11
CA VAL A 124 5.63 16.26 3.62
C VAL A 124 6.39 16.29 2.30
N ILE A 125 7.45 15.48 2.22
CA ILE A 125 8.22 15.38 1.00
C ILE A 125 8.13 13.96 0.47
N LYS A 126 7.72 13.81 -0.78
CA LYS A 126 7.69 12.50 -1.40
C LYS A 126 8.87 12.29 -2.33
N LYS A 127 9.46 11.10 -2.27
CA LYS A 127 10.45 10.72 -3.27
C LYS A 127 10.30 9.27 -3.68
N LYS A 128 10.40 9.02 -4.98
CA LYS A 128 10.34 7.66 -5.51
C LYS A 128 11.53 6.88 -5.00
N LEU A 129 11.32 5.61 -4.69
CA LEU A 129 12.40 4.72 -4.32
C LEU A 129 12.76 3.83 -5.50
N TYR A 130 14.04 3.48 -5.59
CA TYR A 130 14.51 2.55 -6.60
C TYR A 130 15.39 1.48 -5.96
N SER B 1 12.40 0.14 -11.14
CA SER B 1 12.32 -1.27 -10.78
C SER B 1 10.93 -1.85 -11.06
N ASP B 2 10.78 -2.46 -12.24
CA ASP B 2 9.53 -3.11 -12.56
C ASP B 2 9.38 -4.39 -11.74
N GLU B 3 10.50 -4.86 -11.19
CA GLU B 3 10.48 -6.06 -10.36
C GLU B 3 9.65 -5.84 -9.09
N HIS B 4 9.81 -4.68 -8.46
CA HIS B 4 9.02 -4.34 -7.28
C HIS B 4 7.57 -4.02 -7.67
N LEU B 5 7.39 -3.27 -8.75
CA LEU B 5 6.05 -2.98 -9.25
C LEU B 5 5.32 -4.27 -9.53
N CYS B 6 6.00 -5.22 -10.16
CA CYS B 6 5.40 -6.50 -10.51
C CYS B 6 5.10 -7.33 -9.26
N ALA B 7 6.06 -7.39 -8.34
CA ALA B 7 5.85 -8.14 -7.10
C ALA B 7 4.62 -7.65 -6.35
N ASN B 8 4.51 -6.33 -6.19
CA ASN B 8 3.34 -5.74 -5.57
C ASN B 8 2.05 -6.02 -6.34
N LEU B 9 2.15 -6.02 -7.68
CA LEU B 9 0.99 -6.30 -8.52
C LEU B 9 0.47 -7.72 -8.27
N GLN B 11 0.67 -9.38 -5.57
CA GLN B 11 -0.06 -9.35 -4.30
C GLN B 11 -1.47 -8.81 -4.51
N LEU B 12 -1.57 -7.69 -5.22
CA LEU B 12 -2.88 -7.12 -5.55
C LEU B 12 -3.75 -8.13 -6.30
N LEU B 13 -3.15 -8.85 -7.23
CA LEU B 13 -3.91 -9.78 -8.07
C LEU B 13 -4.49 -10.91 -7.21
N GLN B 14 -3.69 -11.44 -6.31
CA GLN B 14 -4.16 -12.50 -5.43
C GLN B 14 -5.32 -12.04 -4.55
N GLU B 15 -5.25 -10.80 -4.06
CA GLU B 15 -6.32 -10.23 -3.27
C GLU B 15 -7.60 -10.10 -4.10
N SER B 16 -7.45 -9.64 -5.34
CA SER B 16 -8.58 -9.48 -6.25
C SER B 16 -9.27 -10.81 -6.53
N LEU B 17 -8.46 -11.85 -6.71
CA LEU B 17 -8.96 -13.18 -7.04
C LEU B 17 -9.61 -13.87 -5.84
N ALA B 18 -9.23 -13.46 -4.64
CA ALA B 18 -9.83 -14.02 -3.43
C ALA B 18 -11.28 -13.59 -3.27
N GLN B 19 -11.67 -12.54 -4.00
CA GLN B 19 -13.04 -12.06 -3.96
C GLN B 19 -13.60 -11.87 -5.37
N ALA B 20 -13.33 -12.84 -6.25
CA ALA B 20 -13.76 -12.74 -7.64
C ALA B 20 -15.20 -13.21 -7.82
N ARG B 21 -15.87 -12.68 -8.83
CA ARG B 21 -17.20 -13.16 -9.20
C ARG B 21 -17.15 -13.81 -10.57
N LEU B 22 -17.85 -14.94 -10.72
CA LEU B 22 -17.84 -15.68 -11.97
C LEU B 22 -19.23 -15.83 -12.58
N GLY B 23 -19.81 -14.71 -13.04
CA GLY B 23 -21.09 -14.75 -13.72
C GLY B 23 -22.30 -14.46 -12.84
N SER B 24 -22.11 -14.52 -11.53
CA SER B 24 -23.18 -14.16 -10.60
C SER B 24 -22.64 -13.26 -9.49
N ARG B 25 -23.51 -12.88 -8.55
CA ARG B 25 -23.11 -11.98 -7.48
C ARG B 25 -22.29 -12.70 -6.41
N ARG B 26 -22.43 -14.01 -6.32
CA ARG B 26 -21.75 -14.75 -5.27
C ARG B 26 -20.24 -14.83 -5.52
N PRO B 27 -19.45 -14.34 -4.55
CA PRO B 27 -18.00 -14.28 -4.69
C PRO B 27 -17.40 -15.68 -4.69
N ALA B 28 -16.29 -15.85 -5.41
CA ALA B 28 -15.55 -17.10 -5.39
C ALA B 28 -14.13 -16.82 -4.94
N ARG B 29 -13.64 -17.60 -3.99
CA ARG B 29 -12.28 -17.45 -3.51
C ARG B 29 -11.32 -18.22 -4.41
N LEU B 30 -10.74 -17.52 -5.37
CA LEU B 30 -9.80 -18.12 -6.32
C LEU B 30 -8.37 -18.00 -5.80
N LEU B 31 -7.63 -19.10 -5.86
CA LEU B 31 -6.24 -19.12 -5.37
C LEU B 31 -5.24 -19.41 -6.48
N PRO B 33 -1.60 -20.96 -7.43
CA PRO B 33 -0.44 -21.74 -6.99
C PRO B 33 0.80 -20.86 -7.03
N SER B 34 1.78 -21.13 -6.17
CA SER B 34 2.95 -20.26 -6.08
C SER B 34 3.74 -20.26 -7.39
N GLN B 35 3.70 -21.36 -8.13
CA GLN B 35 4.39 -21.44 -9.40
C GLN B 35 3.69 -20.60 -10.47
N LEU B 36 2.37 -20.49 -10.37
CA LEU B 36 1.61 -19.64 -11.28
C LEU B 36 1.95 -18.17 -11.03
N VAL B 37 1.99 -17.77 -9.77
CA VAL B 37 2.36 -16.40 -9.42
C VAL B 37 3.71 -16.02 -10.00
N SER B 38 4.67 -16.93 -9.89
CA SER B 38 6.01 -16.66 -10.37
C SER B 38 6.03 -16.49 -11.89
N GLN B 39 5.42 -17.45 -12.59
CA GLN B 39 5.46 -17.47 -14.05
C GLN B 39 4.65 -16.34 -14.68
N VAL B 40 3.53 -15.98 -14.06
CA VAL B 40 2.74 -14.85 -14.55
C VAL B 40 3.57 -13.57 -14.47
N GLY B 41 4.20 -13.36 -13.31
CA GLY B 41 5.03 -12.19 -13.11
C GLY B 41 6.13 -12.06 -14.14
N LYS B 42 6.83 -13.17 -14.40
CA LYS B 42 7.91 -13.17 -15.39
C LYS B 42 7.40 -12.90 -16.80
N GLU B 43 6.22 -13.43 -17.12
CA GLU B 43 5.67 -13.24 -18.45
C GLU B 43 5.21 -11.80 -18.64
N LEU B 44 4.65 -11.20 -17.59
CA LEU B 44 4.27 -9.80 -17.63
C LEU B 44 5.50 -8.92 -17.85
N LEU B 45 6.57 -9.25 -17.13
CA LEU B 45 7.82 -8.51 -17.25
C LEU B 45 8.46 -8.71 -18.61
N ARG B 46 8.31 -9.91 -19.18
CA ARG B 46 8.89 -10.20 -20.48
C ARG B 46 8.25 -9.34 -21.56
N LEU B 47 6.94 -9.17 -21.48
CA LEU B 47 6.20 -8.43 -22.49
C LEU B 47 6.35 -6.91 -22.32
N ALA B 48 6.65 -6.47 -21.10
CA ALA B 48 6.69 -5.05 -20.79
C ALA B 48 8.04 -4.39 -21.06
N TYR B 49 9.12 -5.15 -21.01
CA TYR B 49 10.46 -4.56 -21.05
C TYR B 49 10.76 -3.91 -22.40
N SER B 50 10.03 -4.29 -23.44
CA SER B 50 10.25 -3.73 -24.76
C SER B 50 9.39 -2.49 -25.01
N GLU B 51 8.66 -2.06 -23.97
CA GLU B 51 7.76 -0.92 -24.10
C GLU B 51 8.33 0.31 -23.38
N PRO B 52 8.02 1.51 -23.90
CA PRO B 52 8.41 2.74 -23.20
C PRO B 52 7.79 2.74 -21.80
N CYS B 53 8.58 3.09 -20.80
CA CYS B 53 8.11 3.13 -19.41
C CYS B 53 7.94 1.73 -18.81
N GLY B 54 8.26 0.70 -19.57
CA GLY B 54 8.15 -0.66 -19.09
C GLY B 54 6.77 -0.97 -18.53
N LEU B 55 6.73 -1.79 -17.50
CA LEU B 55 5.49 -2.26 -16.91
C LEU B 55 4.60 -1.12 -16.39
N ARG B 56 5.21 0.02 -16.10
CA ARG B 56 4.49 1.18 -15.61
C ARG B 56 3.47 1.71 -16.62
N GLY B 57 3.73 1.52 -17.90
CA GLY B 57 2.87 2.06 -18.93
C GLY B 57 1.77 1.12 -19.36
N ALA B 58 1.55 0.06 -18.59
CA ALA B 58 0.59 -0.99 -18.98
C ALA B 58 -0.81 -0.85 -18.38
N LEU B 59 -1.79 -1.33 -19.12
CA LEU B 59 -3.12 -1.54 -18.60
C LEU B 59 -3.32 -3.04 -18.47
N LEU B 60 -3.48 -3.52 -17.24
CA LEU B 60 -3.67 -4.94 -17.00
C LEU B 60 -5.17 -5.31 -17.06
N ASP B 61 -5.49 -6.27 -17.89
CA ASP B 61 -6.87 -6.76 -18.02
C ASP B 61 -6.90 -8.22 -17.59
N VAL B 62 -7.61 -8.53 -16.51
CA VAL B 62 -7.60 -9.88 -15.97
C VAL B 62 -8.92 -10.61 -16.20
N CYS B 63 -8.84 -11.85 -16.66
CA CYS B 63 -10.04 -12.67 -16.77
C CYS B 63 -9.75 -14.12 -16.37
N VAL B 64 -10.82 -14.86 -16.09
CA VAL B 64 -10.70 -16.26 -15.70
C VAL B 64 -11.56 -17.11 -16.62
N GLU B 65 -10.93 -18.07 -17.29
CA GLU B 65 -11.64 -18.98 -18.18
C GLU B 65 -12.11 -20.21 -17.43
N GLN B 66 -13.41 -20.46 -17.48
CA GLN B 66 -13.96 -21.72 -16.98
C GLN B 66 -14.67 -22.43 -18.12
N GLY B 67 -14.00 -23.43 -18.68
CA GLY B 67 -14.51 -24.11 -19.86
C GLY B 67 -14.50 -23.18 -21.06
N LYS B 68 -15.68 -22.82 -21.53
CA LYS B 68 -15.81 -21.92 -22.67
C LYS B 68 -15.93 -20.48 -22.20
N SER B 69 -16.65 -20.27 -21.10
CA SER B 69 -16.94 -18.94 -20.60
C SER B 69 -15.67 -18.20 -20.16
N CYS B 70 -15.66 -16.89 -20.38
CA CYS B 70 -14.53 -16.06 -19.97
C CYS B 70 -15.01 -14.94 -19.07
N HIS B 71 -14.64 -15.01 -17.80
CA HIS B 71 -15.13 -14.06 -16.80
C HIS B 71 -14.14 -12.93 -16.54
N SER B 72 -14.57 -11.71 -16.80
CA SER B 72 -13.77 -10.52 -16.53
C SER B 72 -13.75 -10.27 -15.02
N VAL B 73 -12.56 -10.28 -14.43
CA VAL B 73 -12.46 -10.12 -12.98
C VAL B 73 -11.93 -8.75 -12.55
N GLY B 74 -11.24 -8.04 -13.45
CA GLY B 74 -10.71 -6.74 -13.11
C GLY B 74 -9.81 -6.10 -14.15
N GLN B 75 -9.55 -4.81 -13.97
CA GLN B 75 -8.77 -4.03 -14.92
C GLN B 75 -8.03 -2.96 -14.13
N LEU B 76 -6.76 -2.72 -14.46
CA LEU B 76 -5.95 -1.79 -13.69
C LEU B 76 -4.83 -1.14 -14.51
N ALA B 77 -4.79 0.19 -14.48
CA ALA B 77 -3.63 0.92 -15.00
C ALA B 77 -2.55 0.86 -13.93
N LEU B 78 -1.41 0.27 -14.25
CA LEU B 78 -0.40 -0.04 -13.25
C LEU B 78 0.27 1.18 -12.61
N ASP B 79 0.17 2.34 -13.26
CA ASP B 79 0.74 3.56 -12.70
C ASP B 79 -0.14 4.78 -12.99
N PRO B 80 -0.83 5.27 -11.96
CA PRO B 80 -1.80 6.38 -12.03
C PRO B 80 -1.24 7.66 -12.63
N SER B 81 0.08 7.81 -12.66
CA SER B 81 0.69 9.03 -13.17
C SER B 81 1.09 8.89 -14.64
N LEU B 82 0.79 7.73 -15.22
CA LEU B 82 1.09 7.48 -16.62
C LEU B 82 -0.17 7.07 -17.39
N VAL B 83 -0.26 7.52 -18.64
CA VAL B 83 -1.31 7.04 -19.52
C VAL B 83 -0.87 5.72 -20.13
N PRO B 84 -1.69 4.67 -19.97
CA PRO B 84 -1.36 3.36 -20.52
C PRO B 84 -1.17 3.41 -22.04
N THR B 85 -0.08 2.82 -22.53
CA THR B 85 0.20 2.79 -23.97
C THR B 85 0.15 1.36 -24.51
N PHE B 86 -0.01 0.40 -23.62
CA PHE B 86 -0.23 -0.97 -24.03
C PHE B 86 -1.08 -1.75 -23.03
N GLN B 87 -1.68 -2.83 -23.52
CA GLN B 87 -2.57 -3.63 -22.71
C GLN B 87 -2.01 -5.03 -22.55
N LEU B 88 -1.99 -5.52 -21.32
CA LEU B 88 -1.62 -6.90 -21.05
C LEU B 88 -2.85 -7.67 -20.58
N THR B 89 -3.32 -8.59 -21.41
CA THR B 89 -4.48 -9.38 -21.05
C THR B 89 -4.05 -10.70 -20.42
N LEU B 90 -4.30 -10.84 -19.13
CA LEU B 90 -3.95 -12.06 -18.42
C LEU B 90 -5.14 -13.01 -18.39
N VAL B 91 -4.98 -14.17 -19.01
CA VAL B 91 -6.03 -15.18 -19.03
C VAL B 91 -5.67 -16.35 -18.14
N LEU B 92 -6.33 -16.43 -16.99
CA LEU B 92 -6.14 -17.54 -16.06
C LEU B 92 -7.24 -18.57 -16.32
N ARG B 93 -7.05 -19.78 -15.78
CA ARG B 93 -8.02 -20.84 -16.01
C ARG B 93 -8.47 -21.53 -14.72
N LEU B 94 -9.77 -21.79 -14.63
CA LEU B 94 -10.33 -22.55 -13.54
C LEU B 94 -10.84 -23.89 -14.10
N ASP B 95 -10.32 -24.99 -13.56
CA ASP B 95 -10.66 -26.31 -14.07
C ASP B 95 -12.14 -26.64 -13.88
N SER B 96 -12.76 -27.18 -14.94
CA SER B 96 -14.20 -27.40 -15.00
C SER B 96 -14.82 -28.01 -13.74
N ARG B 97 -14.10 -28.92 -13.10
CA ARG B 97 -14.61 -29.58 -11.89
C ARG B 97 -14.78 -28.59 -10.75
N LEU B 98 -14.48 -27.33 -11.00
CA LEU B 98 -14.73 -26.27 -10.03
C LEU B 98 -16.22 -25.94 -10.02
N TRP B 99 -16.87 -26.29 -8.93
CA TRP B 99 -18.32 -26.19 -8.83
C TRP B 99 -18.84 -24.75 -8.90
N PRO B 100 -20.10 -24.59 -8.50
CA PRO B 100 -20.78 -23.30 -8.50
C PRO B 100 -22.24 -23.52 -8.11
N ILE B 102 -25.19 -24.31 -8.11
CA ILE B 102 -26.07 -23.28 -7.57
C ILE B 102 -26.32 -23.52 -6.08
N GLN B 103 -26.20 -22.46 -5.29
CA GLN B 103 -26.41 -22.56 -3.85
C GLN B 103 -27.88 -22.82 -3.54
N GLY B 104 -28.62 -21.72 -3.45
CA GLY B 104 -29.99 -21.72 -2.99
C GLY B 104 -30.21 -20.34 -2.40
N LEU B 105 -31.48 -19.97 -2.17
CA LEU B 105 -31.78 -18.65 -1.65
C LEU B 105 -31.39 -18.52 -0.18
N PHE B 106 -31.36 -19.64 0.53
CA PHE B 106 -31.15 -19.62 1.97
C PHE B 106 -29.72 -20.00 2.30
N SER B 107 -28.84 -19.00 2.28
CA SER B 107 -27.42 -19.20 2.52
C SER B 107 -26.96 -18.64 3.86
N SER B 108 -27.29 -19.35 4.93
CA SER B 108 -26.90 -18.97 6.28
C SER B 108 -25.66 -19.74 6.70
N PRO B 112 -18.94 -20.10 5.30
CA PRO B 112 -18.63 -19.64 3.94
C PRO B 112 -18.13 -20.77 3.05
N SER B 113 -18.06 -20.52 1.74
CA SER B 113 -17.65 -21.54 0.78
C SER B 113 -16.13 -21.76 0.80
N GLN B 114 -15.71 -22.91 0.29
CA GLN B 114 -14.30 -23.26 0.24
C GLN B 114 -13.58 -22.53 -0.90
N SER B 115 -12.26 -22.64 -0.92
CA SER B 115 -11.46 -21.99 -1.95
C SER B 115 -11.24 -22.89 -3.16
N LEU B 116 -11.09 -22.28 -4.33
CA LEU B 116 -10.77 -23.00 -5.55
C LEU B 116 -9.42 -22.51 -6.06
N THR B 117 -8.53 -23.43 -6.43
CA THR B 117 -7.24 -23.03 -6.94
C THR B 117 -7.20 -23.10 -8.46
N LEU B 118 -6.59 -22.09 -9.08
CA LEU B 118 -6.52 -21.99 -10.53
C LEU B 118 -5.49 -22.94 -11.10
N SER B 119 -5.62 -23.23 -12.39
CA SER B 119 -4.66 -24.06 -13.10
C SER B 119 -3.31 -23.34 -13.18
N THR B 120 -2.26 -24.09 -13.47
CA THR B 120 -0.94 -23.50 -13.67
C THR B 120 -0.81 -23.02 -15.11
N GLY B 121 -1.82 -23.31 -15.92
CA GLY B 121 -1.86 -22.86 -17.30
C GLY B 121 -2.50 -21.50 -17.45
N PHE B 122 -1.86 -20.63 -18.23
CA PHE B 122 -2.36 -19.27 -18.40
C PHE B 122 -1.83 -18.68 -19.71
N ARG B 123 -2.40 -17.55 -20.11
CA ARG B 123 -1.92 -16.83 -21.30
C ARG B 123 -1.85 -15.34 -21.00
N VAL B 124 -0.87 -14.67 -21.58
CA VAL B 124 -0.83 -13.21 -21.55
C VAL B 124 -0.71 -12.67 -22.96
N ILE B 125 -1.62 -11.79 -23.33
CA ILE B 125 -1.62 -11.20 -24.66
C ILE B 125 -1.33 -9.72 -24.58
N LYS B 126 -0.28 -9.28 -25.26
CA LYS B 126 0.03 -7.85 -25.30
C LYS B 126 -0.53 -7.21 -26.56
N LYS B 127 -1.07 -6.01 -26.39
CA LYS B 127 -1.60 -5.24 -27.50
C LYS B 127 -1.29 -3.76 -27.28
N LYS B 128 -0.64 -3.14 -28.26
CA LYS B 128 -0.40 -1.70 -28.22
C LYS B 128 -1.73 -0.94 -28.27
N LEU B 129 -1.77 0.19 -27.58
CA LEU B 129 -2.94 1.06 -27.62
C LEU B 129 -2.64 2.27 -28.50
N TYR B 130 -3.64 2.71 -29.26
CA TYR B 130 -3.47 3.84 -30.16
C TYR B 130 -4.52 4.93 -29.90
#